data_3G0F
#
_entry.id   3G0F
#
_cell.length_a   79.462
_cell.length_b   101.783
_cell.length_c   105.505
_cell.angle_alpha   90.00
_cell.angle_beta   90.00
_cell.angle_gamma   90.00
#
_symmetry.space_group_name_H-M   'P 21 21 2'
#
loop_
_entity.id
_entity.type
_entity.pdbx_description
1 polymer 'Mast/stem cell growth factor receptor'
2 non-polymer 'N-[2-(diethylamino)ethyl]-5-[(Z)-(5-fluoro-2-oxo-1,2-dihydro-3H-indol-3-ylidene)methyl]-2,4-dimethyl-1H-pyrrole-3-carbo xamide'
3 non-polymer 'SULFATE ION'
4 water water
#
_entity_poly.entity_id   1
_entity_poly.type   'polypeptide(L)'
_entity_poly.pdbx_seq_one_letter_code
;GPTYKYLQKPMYEVQWKVVEEINGNNYVYIDPTQLPYDHKWEFPRNRLSFGKTLGAGAFGKVVEATAYGLIKSDAAMTVA
VKMLKPSAHLTEREALMSELKVLSYLGNHMNIVNLLGACTIGGPTLVITEYCCYGDLLNFLRRKRDSFICSKTSPAIMED
DELALDLEDLLSFSYQVAKGMAFLASKNCIHRDLAARNILLTHGRITKICDFGLARHIKNDSNYVVKGNARLPVKWMAPE
SIFNCVYTFESDVWSYGIFLWELFSLGSSPYPGMPVDSKFYKMIKEGFRMLSPEHAPAEMYDIMKTCWDADPLKRPTFKQ
IVQLIEKQISESTNHI
;
_entity_poly.pdbx_strand_id   A,B
#
loop_
_chem_comp.id
_chem_comp.type
_chem_comp.name
_chem_comp.formula
B49 non-polymer 'N-[2-(diethylamino)ethyl]-5-[(Z)-(5-fluoro-2-oxo-1,2-dihydro-3H-indol-3-ylidene)methyl]-2,4-dimethyl-1H-pyrrole-3-carbo xamide' 'C22 H27 F N4 O2'
SO4 non-polymer 'SULFATE ION' 'O4 S -2'
#
# COMPACT_ATOMS: atom_id res chain seq x y z
N ASN A 25 -14.11 0.43 10.45
CA ASN A 25 -12.70 0.33 9.97
C ASN A 25 -12.13 1.71 9.68
N ASN A 26 -11.52 2.31 10.69
CA ASN A 26 -11.02 3.68 10.57
C ASN A 26 -9.68 3.68 9.84
N TYR A 27 -8.80 2.77 10.21
CA TYR A 27 -7.52 2.59 9.54
C TYR A 27 -7.69 1.94 8.17
N VAL A 28 -7.09 2.54 7.15
CA VAL A 28 -7.17 2.03 5.79
C VAL A 28 -5.87 2.32 5.04
N TYR A 29 -5.33 1.31 4.36
CA TYR A 29 -4.13 1.52 3.55
C TYR A 29 -4.51 2.06 2.19
N ILE A 30 -3.78 3.06 1.73
CA ILE A 30 -4.11 3.69 0.46
C ILE A 30 -3.74 2.77 -0.69
N ASP A 31 -4.67 2.55 -1.60
CA ASP A 31 -4.30 1.93 -2.87
C ASP A 31 -3.83 3.00 -3.85
N PRO A 32 -2.66 2.78 -4.46
CA PRO A 32 -2.10 3.73 -5.42
C PRO A 32 -3.01 4.04 -6.62
N THR A 33 -3.80 3.05 -7.06
CA THR A 33 -4.64 3.23 -8.24
C THR A 33 -5.87 4.07 -7.93
N GLN A 34 -6.07 4.37 -6.66
CA GLN A 34 -7.19 5.20 -6.24
C GLN A 34 -6.80 6.66 -6.06
N LEU A 35 -5.52 6.90 -5.76
CA LEU A 35 -5.02 8.26 -5.65
C LEU A 35 -5.27 9.05 -6.93
N PRO A 36 -5.44 10.37 -6.81
CA PRO A 36 -5.56 11.25 -7.99
C PRO A 36 -4.24 11.39 -8.76
N TYR A 37 -4.36 11.51 -10.08
CA TYR A 37 -3.20 11.72 -10.95
C TYR A 37 -2.39 12.95 -10.55
N ASP A 38 -1.10 12.77 -10.35
CA ASP A 38 -0.23 13.88 -9.94
C ASP A 38 0.31 14.62 -11.16
N HIS A 39 0.03 15.92 -11.23
CA HIS A 39 0.37 16.72 -12.40
C HIS A 39 1.85 17.06 -12.54
N LYS A 40 2.62 16.77 -11.48
CA LYS A 40 4.07 16.93 -11.55
C LYS A 40 4.64 16.09 -12.70
N TRP A 41 3.88 15.11 -13.15
CA TRP A 41 4.33 14.21 -14.21
C TRP A 41 3.98 14.70 -15.61
N GLU A 42 3.10 15.68 -15.69
CA GLU A 42 2.58 16.13 -16.98
C GLU A 42 3.70 16.66 -17.88
N PHE A 43 3.63 16.31 -19.16
CA PHE A 43 4.65 16.68 -20.14
C PHE A 43 3.94 17.00 -21.44
N PRO A 44 4.33 18.11 -22.11
CA PRO A 44 3.66 18.58 -23.33
C PRO A 44 3.85 17.61 -24.49
N ARG A 45 2.76 17.17 -25.12
CA ARG A 45 2.90 16.15 -26.14
C ARG A 45 3.42 16.70 -27.48
N ASN A 46 3.46 18.03 -27.61
CA ASN A 46 4.10 18.64 -28.76
C ASN A 46 5.63 18.63 -28.61
N ARG A 47 6.11 18.05 -27.50
CA ARG A 47 7.54 17.85 -27.32
C ARG A 47 7.91 16.39 -27.60
N LEU A 48 6.95 15.63 -28.12
CA LEU A 48 7.19 14.24 -28.44
C LEU A 48 7.17 13.98 -29.94
N SER A 49 8.07 13.13 -30.40
CA SER A 49 7.92 12.50 -31.71
C SER A 49 7.86 11.00 -31.51
N PHE A 50 7.11 10.33 -32.37
CA PHE A 50 7.02 8.88 -32.34
C PHE A 50 7.84 8.26 -33.45
N GLY A 51 8.44 7.11 -33.16
CA GLY A 51 9.09 6.30 -34.17
C GLY A 51 8.49 4.90 -34.20
N LYS A 52 9.32 3.87 -34.21
CA LYS A 52 8.88 2.52 -34.48
C LYS A 52 8.21 1.87 -33.28
N THR A 53 7.26 0.97 -33.55
CA THR A 53 6.58 0.26 -32.48
C THR A 53 7.55 -0.76 -31.89
N LEU A 54 7.63 -0.80 -30.57
CA LEU A 54 8.49 -1.76 -29.88
C LEU A 54 7.71 -3.03 -29.56
N GLY A 55 6.44 -2.85 -29.21
CA GLY A 55 5.61 -3.98 -28.86
C GLY A 55 4.14 -3.60 -28.96
N ALA A 56 3.32 -4.56 -29.36
CA ALA A 56 1.91 -4.29 -29.55
C ALA A 56 1.09 -5.44 -29.01
N GLY A 57 -0.05 -5.12 -28.42
CA GLY A 57 -1.02 -6.14 -28.07
C GLY A 57 -2.35 -5.82 -28.71
N ALA A 58 -3.37 -6.57 -28.34
CA ALA A 58 -4.71 -6.35 -28.86
C ALA A 58 -5.19 -4.90 -28.67
N PHE A 59 -5.01 -4.35 -27.48
CA PHE A 59 -5.63 -3.06 -27.14
C PHE A 59 -4.67 -1.89 -27.02
N GLY A 60 -3.38 -2.15 -27.17
CA GLY A 60 -2.42 -1.09 -26.98
C GLY A 60 -1.04 -1.39 -27.52
N LYS A 61 -0.17 -0.39 -27.47
CA LYS A 61 1.20 -0.58 -27.90
C LYS A 61 2.20 0.28 -27.15
N VAL A 62 3.47 -0.06 -27.34
CA VAL A 62 4.56 0.74 -26.82
C VAL A 62 5.43 1.16 -28.00
N VAL A 63 5.67 2.45 -28.07
CA VAL A 63 6.37 3.04 -29.20
C VAL A 63 7.66 3.72 -28.74
N GLU A 64 8.70 3.58 -29.55
CA GLU A 64 9.92 4.37 -29.37
C GLU A 64 9.65 5.84 -29.70
N ALA A 65 10.27 6.75 -28.96
CA ALA A 65 9.95 8.16 -29.09
C ALA A 65 11.10 9.11 -28.69
N THR A 66 11.00 10.36 -29.14
CA THR A 66 11.89 11.39 -28.65
C THR A 66 11.11 12.41 -27.82
N ALA A 67 11.69 12.80 -26.69
CA ALA A 67 11.09 13.83 -25.84
C ALA A 67 12.15 14.91 -25.71
N TYR A 68 11.76 16.16 -25.96
CA TYR A 68 12.71 17.26 -25.84
C TYR A 68 12.49 18.02 -24.54
N GLY A 69 13.57 18.23 -23.80
CA GLY A 69 13.46 18.93 -22.53
C GLY A 69 12.85 18.10 -21.41
N LEU A 70 13.01 16.77 -21.49
CA LEU A 70 12.41 15.88 -20.51
C LEU A 70 13.19 15.84 -19.19
N ILE A 71 14.49 15.58 -19.26
CA ILE A 71 15.37 15.62 -18.10
C ILE A 71 16.13 16.95 -18.02
N LYS A 72 17.00 17.19 -19.00
CA LYS A 72 17.56 18.53 -19.21
C LYS A 72 16.69 19.30 -20.20
N SER A 73 16.52 20.59 -19.95
CA SER A 73 15.73 21.44 -20.86
C SER A 73 16.49 21.67 -22.16
N ASP A 74 17.81 21.63 -22.06
CA ASP A 74 18.69 21.74 -23.21
C ASP A 74 18.43 20.64 -24.24
N ALA A 75 18.17 19.42 -23.76
CA ALA A 75 18.47 18.21 -24.52
C ALA A 75 17.26 17.35 -24.92
N ALA A 76 17.52 16.37 -25.77
CA ALA A 76 16.52 15.41 -26.21
C ALA A 76 16.96 13.99 -25.85
N MET A 77 16.01 13.11 -25.56
CA MET A 77 16.35 11.70 -25.31
C MET A 77 15.33 10.75 -25.92
N THR A 78 15.75 9.51 -26.12
CA THR A 78 14.83 8.48 -26.54
C THR A 78 14.12 7.92 -25.33
N VAL A 79 12.81 7.72 -25.46
CA VAL A 79 11.99 7.18 -24.39
C VAL A 79 11.02 6.17 -24.98
N ALA A 80 10.30 5.45 -24.12
CA ALA A 80 9.23 4.58 -24.58
C ALA A 80 7.89 5.16 -24.14
N VAL A 81 6.91 5.14 -25.04
CA VAL A 81 5.59 5.66 -24.70
C VAL A 81 4.57 4.55 -24.85
N LYS A 82 3.73 4.39 -23.84
CA LYS A 82 2.71 3.38 -23.86
C LYS A 82 1.37 4.08 -24.02
N MET A 83 0.47 3.49 -24.80
CA MET A 83 -0.78 4.15 -25.18
C MET A 83 -1.79 3.11 -25.63
N LEU A 84 -3.06 3.48 -25.64
CA LEU A 84 -4.09 2.57 -26.09
C LEU A 84 -4.34 2.69 -27.58
N LYS A 85 -4.61 1.55 -28.22
CA LYS A 85 -5.13 1.56 -29.58
C LYS A 85 -6.56 2.11 -29.58
N PRO A 86 -7.04 2.57 -30.75
CA PRO A 86 -8.40 3.12 -30.88
C PRO A 86 -9.51 2.14 -30.51
N SER A 87 -9.16 0.87 -30.35
CA SER A 87 -10.13 -0.18 -30.04
C SER A 87 -10.12 -0.58 -28.56
N ALA A 88 -9.67 0.32 -27.70
CA ALA A 88 -9.57 0.04 -26.27
C ALA A 88 -10.86 0.40 -25.55
N HIS A 89 -11.25 -0.46 -24.60
CA HIS A 89 -12.45 -0.26 -23.80
C HIS A 89 -12.11 0.41 -22.47
N LEU A 90 -13.13 0.75 -21.68
CA LEU A 90 -12.91 1.46 -20.43
C LEU A 90 -11.99 0.69 -19.49
N THR A 91 -12.05 -0.64 -19.56
CA THR A 91 -11.20 -1.48 -18.73
C THR A 91 -9.72 -1.30 -19.05
N GLU A 92 -9.41 -0.98 -20.31
CA GLU A 92 -8.03 -0.80 -20.73
C GLU A 92 -7.53 0.61 -20.42
N ARG A 93 -8.41 1.59 -20.54
CA ARG A 93 -8.09 2.94 -20.12
C ARG A 93 -7.78 2.93 -18.63
N GLU A 94 -8.56 2.18 -17.86
CA GLU A 94 -8.30 2.04 -16.43
C GLU A 94 -6.99 1.32 -16.16
N ALA A 95 -6.74 0.25 -16.89
CA ALA A 95 -5.49 -0.45 -16.71
C ALA A 95 -4.30 0.49 -16.96
N LEU A 96 -4.37 1.28 -18.04
CA LEU A 96 -3.25 2.13 -18.38
C LEU A 96 -3.04 3.22 -17.34
N MET A 97 -4.14 3.77 -16.84
CA MET A 97 -4.08 4.80 -15.81
C MET A 97 -3.62 4.20 -14.48
N SER A 98 -4.03 2.98 -14.19
CA SER A 98 -3.53 2.30 -13.01
C SER A 98 -2.04 2.00 -13.11
N GLU A 99 -1.59 1.65 -14.31
CA GLU A 99 -0.18 1.38 -14.48
C GLU A 99 0.57 2.63 -14.11
N LEU A 100 0.02 3.77 -14.50
CA LEU A 100 0.68 5.06 -14.32
C LEU A 100 0.73 5.45 -12.84
N LYS A 101 -0.37 5.25 -12.14
CA LYS A 101 -0.44 5.59 -10.73
C LYS A 101 0.40 4.68 -9.83
N VAL A 102 0.49 3.39 -10.18
CA VAL A 102 1.40 2.49 -9.50
C VAL A 102 2.86 2.92 -9.69
N LEU A 103 3.26 3.17 -10.93
CA LEU A 103 4.62 3.62 -11.21
C LEU A 103 4.95 4.89 -10.43
N SER A 104 3.98 5.80 -10.35
CA SER A 104 4.17 7.05 -9.65
C SER A 104 4.33 6.81 -8.15
N TYR A 105 3.57 5.85 -7.64
CA TYR A 105 3.66 5.48 -6.24
C TYR A 105 4.99 4.83 -5.89
N LEU A 106 5.47 3.94 -6.75
CA LEU A 106 6.73 3.23 -6.48
C LEU A 106 7.93 4.16 -6.35
N GLY A 107 7.98 5.20 -7.19
CA GLY A 107 9.17 6.02 -7.28
C GLY A 107 10.27 5.32 -8.07
N ASN A 108 11.45 5.90 -8.09
CA ASN A 108 12.53 5.39 -8.92
C ASN A 108 13.28 4.21 -8.31
N HIS A 109 13.83 3.36 -9.16
CA HIS A 109 14.86 2.43 -8.74
C HIS A 109 15.64 1.95 -9.97
N MET A 110 16.93 1.70 -9.80
CA MET A 110 17.79 1.37 -10.92
C MET A 110 17.35 0.09 -11.66
N ASN A 111 16.58 -0.77 -11.01
CA ASN A 111 16.25 -2.07 -11.57
C ASN A 111 14.79 -2.26 -11.97
N ILE A 112 14.02 -1.18 -12.06
CA ILE A 112 12.75 -1.25 -12.78
C ILE A 112 12.81 -0.23 -13.91
N VAL A 113 11.94 -0.39 -14.90
CA VAL A 113 11.72 0.66 -15.87
C VAL A 113 10.92 1.77 -15.20
N ASN A 114 11.43 2.99 -15.25
CA ASN A 114 10.83 4.07 -14.49
C ASN A 114 9.90 4.96 -15.30
N LEU A 115 8.94 5.56 -14.60
CA LEU A 115 8.06 6.56 -15.15
C LEU A 115 8.88 7.84 -15.34
N LEU A 116 8.72 8.50 -16.48
CA LEU A 116 9.41 9.74 -16.75
C LEU A 116 8.43 10.90 -16.89
N GLY A 117 7.20 10.59 -17.28
CA GLY A 117 6.19 11.62 -17.42
C GLY A 117 4.94 11.11 -18.10
N ALA A 118 3.90 11.93 -18.17
CA ALA A 118 2.67 11.53 -18.85
C ALA A 118 2.04 12.69 -19.61
N CYS A 119 1.31 12.35 -20.65
CA CYS A 119 0.47 13.31 -21.36
C CYS A 119 -0.97 12.86 -21.16
N THR A 120 -1.76 13.68 -20.47
CA THR A 120 -3.12 13.30 -20.11
C THR A 120 -4.14 14.28 -20.68
N ILE A 121 -3.75 15.55 -20.75
CA ILE A 121 -4.61 16.59 -21.32
C ILE A 121 -4.34 16.75 -22.80
N GLY A 122 -5.37 17.08 -23.57
CA GLY A 122 -5.16 17.39 -24.97
C GLY A 122 -5.09 16.20 -25.90
N GLY A 123 -5.72 15.09 -25.52
CA GLY A 123 -5.67 13.89 -26.33
C GLY A 123 -5.55 12.61 -25.51
N PRO A 124 -5.30 11.47 -26.16
CA PRO A 124 -5.21 10.15 -25.52
C PRO A 124 -4.14 10.14 -24.44
N THR A 125 -4.32 9.32 -23.41
CA THR A 125 -3.32 9.19 -22.38
C THR A 125 -2.03 8.58 -22.91
N LEU A 126 -0.92 9.24 -22.63
CA LEU A 126 0.39 8.71 -22.97
C LEU A 126 1.22 8.54 -21.70
N VAL A 127 1.78 7.34 -21.53
CA VAL A 127 2.65 7.04 -20.38
C VAL A 127 4.11 6.91 -20.83
N ILE A 128 4.92 7.86 -20.39
CA ILE A 128 6.32 7.93 -20.80
C ILE A 128 7.24 7.23 -19.79
N THR A 129 8.01 6.26 -20.28
CA THR A 129 8.94 5.51 -19.45
C THR A 129 10.28 5.38 -20.16
N GLU A 130 11.24 4.74 -19.49
CA GLU A 130 12.57 4.58 -20.01
C GLU A 130 12.63 3.63 -21.19
N TYR A 131 13.40 4.02 -22.19
CA TYR A 131 13.75 3.19 -23.31
C TYR A 131 14.97 2.34 -22.91
N CYS A 132 14.93 1.05 -23.21
CA CYS A 132 16.05 0.17 -22.89
C CYS A 132 16.65 -0.37 -24.17
N CYS A 133 17.79 0.20 -24.56
CA CYS A 133 18.29 0.05 -25.92
C CYS A 133 18.64 -1.39 -26.28
N TYR A 134 18.99 -2.20 -25.29
CA TYR A 134 19.42 -3.57 -25.60
C TYR A 134 18.30 -4.58 -25.70
N GLY A 135 17.07 -4.15 -25.44
CA GLY A 135 15.93 -5.05 -25.58
C GLY A 135 15.75 -6.03 -24.42
N ASP A 136 14.91 -7.03 -24.61
CA ASP A 136 14.62 -7.94 -23.51
C ASP A 136 15.68 -9.01 -23.34
N LEU A 137 15.75 -9.53 -22.12
CA LEU A 137 16.82 -10.42 -21.71
C LEU A 137 16.70 -11.83 -22.28
N LEU A 138 15.47 -12.28 -22.52
CA LEU A 138 15.30 -13.61 -23.08
C LEU A 138 15.96 -13.69 -24.44
N ASN A 139 15.62 -12.74 -25.32
CA ASN A 139 16.19 -12.69 -26.65
C ASN A 139 17.71 -12.53 -26.63
N PHE A 140 18.19 -11.77 -25.66
CA PHE A 140 19.62 -11.54 -25.50
C PHE A 140 20.32 -12.83 -25.13
N LEU A 141 19.72 -13.62 -24.25
CA LEU A 141 20.33 -14.88 -23.81
C LEU A 141 20.41 -15.89 -24.95
N ARG A 142 19.33 -15.97 -25.73
CA ARG A 142 19.28 -16.90 -26.85
C ARG A 142 20.32 -16.58 -27.91
N ARG A 143 20.42 -15.31 -28.29
CA ARG A 143 21.35 -14.94 -29.34
C ARG A 143 22.78 -15.01 -28.84
N LYS A 144 22.95 -15.08 -27.53
CA LYS A 144 24.27 -15.23 -26.96
C LYS A 144 24.55 -16.68 -26.58
N ARG A 145 23.56 -17.54 -26.75
CA ARG A 145 23.71 -18.93 -26.36
C ARG A 145 24.81 -19.59 -27.18
N ASP A 146 25.10 -19.02 -28.35
CA ASP A 146 26.08 -19.56 -29.27
C ASP A 146 27.47 -19.55 -28.64
N SER A 147 27.96 -18.36 -28.29
CA SER A 147 29.22 -18.22 -27.58
C SER A 147 28.96 -18.16 -26.08
N PHE A 148 29.86 -18.71 -25.28
CA PHE A 148 29.69 -18.71 -23.83
C PHE A 148 30.78 -19.51 -23.12
N LEU A 165 29.89 -13.07 -23.34
CA LEU A 165 29.01 -13.36 -22.20
C LEU A 165 29.55 -14.53 -21.39
N ASP A 166 29.60 -14.38 -20.07
CA ASP A 166 30.05 -15.47 -19.22
C ASP A 166 29.23 -15.61 -17.94
N LEU A 167 29.60 -16.58 -17.11
CA LEU A 167 28.86 -16.90 -15.90
C LEU A 167 28.84 -15.73 -14.90
N GLU A 168 29.82 -14.83 -14.99
CA GLU A 168 29.84 -13.69 -14.09
C GLU A 168 28.70 -12.70 -14.36
N ASP A 169 28.29 -12.62 -15.63
CA ASP A 169 27.20 -11.74 -16.02
C ASP A 169 25.83 -12.28 -15.62
N LEU A 170 25.69 -13.60 -15.67
CA LEU A 170 24.44 -14.24 -15.28
C LEU A 170 24.25 -14.04 -13.79
N LEU A 171 25.35 -13.94 -13.06
CA LEU A 171 25.31 -13.67 -11.64
C LEU A 171 24.80 -12.27 -11.37
N SER A 172 25.27 -11.33 -12.19
CA SER A 172 24.85 -9.96 -12.05
C SER A 172 23.36 -9.84 -12.38
N PHE A 173 22.92 -10.51 -13.44
CA PHE A 173 21.49 -10.48 -13.78
C PHE A 173 20.61 -10.99 -12.64
N SER A 174 21.07 -12.05 -11.97
CA SER A 174 20.37 -12.66 -10.86
C SER A 174 20.20 -11.67 -9.73
N TYR A 175 21.29 -10.99 -9.45
CA TYR A 175 21.39 -10.12 -8.30
C TYR A 175 20.47 -8.91 -8.56
N GLN A 176 20.62 -8.32 -9.73
CA GLN A 176 19.82 -7.15 -10.11
C GLN A 176 18.32 -7.42 -10.11
N VAL A 177 17.90 -8.56 -10.65
CA VAL A 177 16.48 -8.81 -10.73
C VAL A 177 15.93 -9.05 -9.33
N ALA A 178 16.71 -9.74 -8.50
CA ALA A 178 16.32 -9.88 -7.10
C ALA A 178 16.28 -8.53 -6.38
N LYS A 179 17.23 -7.63 -6.68
CA LYS A 179 17.20 -6.32 -6.04
C LYS A 179 15.94 -5.59 -6.45
N GLY A 180 15.55 -5.77 -7.71
CA GLY A 180 14.38 -5.08 -8.23
C GLY A 180 13.10 -5.59 -7.60
N MET A 181 13.02 -6.89 -7.38
CA MET A 181 11.85 -7.50 -6.76
C MET A 181 11.79 -7.17 -5.28
N ALA A 182 12.95 -7.20 -4.63
CA ALA A 182 13.01 -6.85 -3.22
C ALA A 182 12.44 -5.45 -3.05
N PHE A 183 12.70 -4.60 -4.05
CA PHE A 183 12.22 -3.23 -4.01
C PHE A 183 10.71 -3.14 -4.22
N LEU A 184 10.20 -3.89 -5.19
CA LEU A 184 8.76 -3.91 -5.42
C LEU A 184 8.05 -4.45 -4.19
N ALA A 185 8.58 -5.52 -3.61
CA ALA A 185 8.03 -6.07 -2.38
C ALA A 185 7.98 -5.03 -1.25
N SER A 186 9.00 -4.19 -1.18
CA SER A 186 9.09 -3.24 -0.09
C SER A 186 8.02 -2.15 -0.23
N LYS A 187 7.54 -1.94 -1.45
CA LYS A 187 6.43 -1.03 -1.68
C LYS A 187 5.13 -1.80 -1.73
N ASN A 188 5.18 -3.06 -1.30
CA ASN A 188 3.99 -3.91 -1.23
C ASN A 188 3.39 -4.22 -2.59
N CYS A 189 4.26 -4.35 -3.59
CA CYS A 189 3.82 -4.72 -4.91
C CYS A 189 4.28 -6.11 -5.34
N ILE A 190 3.45 -6.74 -6.16
CA ILE A 190 3.73 -8.03 -6.72
C ILE A 190 3.78 -7.87 -8.24
N HIS A 191 4.59 -8.70 -8.90
CA HIS A 191 4.61 -8.76 -10.35
C HIS A 191 3.89 -10.01 -10.82
N ARG A 192 2.90 -9.83 -11.68
CA ARG A 192 2.04 -10.92 -12.17
C ARG A 192 2.64 -11.72 -13.33
N ASP A 193 3.85 -11.38 -13.76
CA ASP A 193 4.42 -12.01 -14.95
C ASP A 193 5.93 -11.88 -14.99
N LEU A 194 6.58 -12.15 -13.85
CA LEU A 194 8.03 -12.15 -13.79
C LEU A 194 8.59 -13.31 -14.61
N ALA A 195 9.35 -12.96 -15.64
CA ALA A 195 9.82 -13.91 -16.63
C ALA A 195 10.90 -13.19 -17.43
N ALA A 196 11.91 -13.91 -17.90
CA ALA A 196 13.02 -13.28 -18.63
C ALA A 196 12.51 -12.37 -19.77
N ARG A 197 11.37 -12.74 -20.37
CA ARG A 197 10.78 -11.94 -21.45
C ARG A 197 10.27 -10.56 -20.99
N ASN A 198 10.05 -10.37 -19.70
CA ASN A 198 9.70 -9.03 -19.23
C ASN A 198 10.85 -8.33 -18.48
N ILE A 199 12.08 -8.70 -18.81
CA ILE A 199 13.24 -8.06 -18.22
C ILE A 199 14.01 -7.38 -19.34
N LEU A 200 14.23 -6.08 -19.20
CA LEU A 200 14.91 -5.33 -20.24
C LEU A 200 16.35 -5.02 -19.89
N LEU A 201 17.14 -4.73 -20.92
CA LEU A 201 18.56 -4.47 -20.78
C LEU A 201 18.88 -3.07 -21.27
N THR A 202 19.62 -2.31 -20.46
CA THR A 202 20.06 -0.98 -20.87
C THR A 202 21.58 -0.80 -20.63
N HIS A 203 22.05 0.44 -20.66
CA HIS A 203 23.47 0.73 -20.50
C HIS A 203 23.97 0.37 -19.12
N GLY A 204 25.29 0.34 -18.97
CA GLY A 204 25.90 0.12 -17.68
C GLY A 204 25.70 -1.29 -17.18
N ARG A 205 25.36 -2.19 -18.10
CA ARG A 205 25.11 -3.59 -17.77
C ARG A 205 23.89 -3.72 -16.86
N ILE A 206 22.98 -2.74 -16.92
CA ILE A 206 21.85 -2.69 -16.01
C ILE A 206 20.61 -3.43 -16.53
N THR A 207 20.02 -4.26 -15.69
CA THR A 207 18.77 -4.93 -16.05
C THR A 207 17.60 -4.32 -15.27
N LYS A 208 16.45 -4.25 -15.95
CA LYS A 208 15.26 -3.59 -15.41
C LYS A 208 14.01 -4.45 -15.57
N ILE A 209 13.33 -4.70 -14.47
CA ILE A 209 12.02 -5.34 -14.49
C ILE A 209 11.01 -4.39 -15.16
N CYS A 210 10.15 -4.96 -16.00
CA CYS A 210 9.23 -4.16 -16.79
C CYS A 210 7.80 -4.73 -16.73
N ASP A 211 6.80 -3.86 -16.72
CA ASP A 211 5.41 -4.27 -16.91
C ASP A 211 5.06 -4.22 -18.41
N PHE A 212 4.96 -5.37 -19.06
CA PHE A 212 4.59 -5.42 -20.47
C PHE A 212 3.08 -5.41 -20.70
N GLY A 213 2.32 -5.16 -19.63
CA GLY A 213 0.88 -5.12 -19.74
C GLY A 213 0.41 -4.36 -20.95
N LEU A 214 -0.51 -4.98 -21.69
CA LEU A 214 -1.20 -4.34 -22.79
C LEU A 214 -0.38 -4.25 -24.08
N ALA A 215 0.91 -4.54 -24.04
CA ALA A 215 1.77 -4.36 -25.22
C ALA A 215 2.41 -5.66 -25.70
N ARG A 216 1.71 -6.75 -25.45
CA ARG A 216 2.14 -8.06 -25.89
C ARG A 216 0.86 -8.78 -26.29
N HIS A 217 0.86 -9.48 -27.42
CA HIS A 217 -0.23 -10.42 -27.61
C HIS A 217 0.16 -11.85 -27.33
N ILE A 218 -0.77 -12.55 -26.71
CA ILE A 218 -0.47 -13.80 -26.04
C ILE A 218 -1.28 -14.93 -26.64
N LYS A 219 -2.27 -14.58 -27.45
CA LYS A 219 -3.16 -15.58 -28.03
C LYS A 219 -2.40 -16.56 -28.92
N ASN A 220 -1.17 -16.20 -29.29
CA ASN A 220 -0.34 -17.05 -30.14
C ASN A 220 0.99 -17.43 -29.50
N ASP A 221 1.18 -17.05 -28.23
CA ASP A 221 2.36 -17.43 -27.48
C ASP A 221 2.08 -18.67 -26.62
N SER A 222 2.74 -19.77 -26.95
CA SER A 222 2.52 -21.02 -26.24
C SER A 222 2.73 -20.86 -24.73
N ASN A 223 3.51 -19.86 -24.33
CA ASN A 223 3.81 -19.64 -22.92
C ASN A 223 2.58 -19.18 -22.13
N TYR A 224 1.59 -18.64 -22.83
CA TYR A 224 0.34 -18.29 -22.20
C TYR A 224 -0.74 -19.27 -22.61
N VAL A 225 -1.40 -19.86 -21.62
CA VAL A 225 -2.29 -20.98 -21.84
C VAL A 225 -3.60 -20.83 -21.08
N VAL A 226 -4.70 -21.20 -21.72
CA VAL A 226 -6.01 -21.05 -21.10
C VAL A 226 -6.13 -21.92 -19.86
N LYS A 227 -6.53 -21.29 -18.77
CA LYS A 227 -6.93 -21.99 -17.57
C LYS A 227 -8.11 -21.22 -16.98
N GLY A 228 -9.20 -21.91 -16.72
CA GLY A 228 -10.39 -21.25 -16.24
C GLY A 228 -10.78 -20.13 -17.17
N ASN A 229 -10.77 -18.90 -16.64
CA ASN A 229 -11.28 -17.76 -17.36
C ASN A 229 -10.23 -17.14 -18.29
N ALA A 230 -8.99 -17.10 -17.81
CA ALA A 230 -7.94 -16.32 -18.46
C ALA A 230 -6.94 -17.15 -19.24
N ARG A 231 -6.07 -16.45 -19.96
CA ARG A 231 -4.84 -17.04 -20.48
C ARG A 231 -3.69 -16.68 -19.54
N LEU A 232 -3.01 -17.68 -19.01
CA LEU A 232 -1.98 -17.46 -18.01
C LEU A 232 -0.64 -18.08 -18.37
N PRO A 233 0.44 -17.49 -17.86
CA PRO A 233 1.81 -18.01 -17.92
C PRO A 233 2.00 -19.07 -16.83
N VAL A 234 1.58 -20.29 -17.10
CA VAL A 234 1.43 -21.26 -16.02
C VAL A 234 2.76 -21.86 -15.57
N LYS A 235 3.70 -22.03 -16.50
CA LYS A 235 5.01 -22.58 -16.15
C LYS A 235 5.78 -21.67 -15.19
N TRP A 236 5.38 -20.40 -15.11
CA TRP A 236 6.05 -19.45 -14.22
C TRP A 236 5.28 -19.22 -12.93
N MET A 237 4.05 -19.75 -12.85
CA MET A 237 3.21 -19.49 -11.68
C MET A 237 3.34 -20.52 -10.58
N ALA A 238 3.32 -20.06 -9.33
CA ALA A 238 3.35 -20.94 -8.17
C ALA A 238 2.07 -21.78 -8.09
N PRO A 239 2.16 -22.98 -7.53
CA PRO A 239 1.00 -23.88 -7.53
C PRO A 239 -0.26 -23.29 -6.88
N GLU A 240 -0.10 -22.60 -5.77
CA GLU A 240 -1.25 -22.02 -5.07
C GLU A 240 -1.91 -20.92 -5.90
N SER A 241 -1.19 -20.39 -6.88
CA SER A 241 -1.75 -19.34 -7.73
C SER A 241 -2.59 -19.94 -8.84
N ILE A 242 -2.18 -21.12 -9.30
CA ILE A 242 -2.89 -21.84 -10.34
C ILE A 242 -4.22 -22.35 -9.79
N PHE A 243 -4.18 -22.91 -8.59
CA PHE A 243 -5.37 -23.46 -7.95
C PHE A 243 -6.20 -22.35 -7.30
N ASN A 244 -5.95 -22.11 -6.02
CA ASN A 244 -6.79 -21.21 -5.23
C ASN A 244 -6.76 -19.78 -5.74
N CYS A 245 -6.05 -19.53 -6.83
CA CYS A 245 -5.89 -18.18 -7.37
C CYS A 245 -5.40 -17.20 -6.31
N VAL A 246 -4.43 -17.65 -5.51
CA VAL A 246 -3.79 -16.80 -4.52
C VAL A 246 -2.53 -16.18 -5.11
N TYR A 247 -2.56 -14.88 -5.37
CA TYR A 247 -1.38 -14.13 -5.82
C TYR A 247 -0.78 -13.37 -4.65
N THR A 248 0.35 -13.82 -4.12
CA THR A 248 0.98 -13.14 -3.00
C THR A 248 2.46 -12.92 -3.22
N PHE A 249 3.15 -12.51 -2.17
CA PHE A 249 4.57 -12.20 -2.26
C PHE A 249 5.38 -13.46 -2.55
N GLU A 250 4.96 -14.57 -1.96
CA GLU A 250 5.68 -15.83 -2.11
C GLU A 250 5.41 -16.51 -3.44
N SER A 251 4.33 -16.12 -4.10
CA SER A 251 4.07 -16.55 -5.47
C SER A 251 5.16 -16.04 -6.42
N ASP A 252 5.59 -14.79 -6.21
CA ASP A 252 6.61 -14.17 -7.04
C ASP A 252 7.96 -14.88 -6.93
N VAL A 253 8.30 -15.27 -5.72
CA VAL A 253 9.56 -15.97 -5.49
C VAL A 253 9.60 -17.25 -6.28
N TRP A 254 8.47 -17.92 -6.38
CA TRP A 254 8.40 -19.12 -7.20
C TRP A 254 8.84 -18.74 -8.61
N SER A 255 8.27 -17.65 -9.11
CA SER A 255 8.52 -17.25 -10.49
C SER A 255 9.95 -16.81 -10.64
N TYR A 256 10.54 -16.35 -9.54
CA TYR A 256 11.93 -15.95 -9.59
C TYR A 256 12.79 -17.19 -9.81
N GLY A 257 12.39 -18.30 -9.19
CA GLY A 257 13.07 -19.56 -9.38
C GLY A 257 13.01 -20.02 -10.83
N ILE A 258 11.84 -19.92 -11.44
CA ILE A 258 11.69 -20.30 -12.83
C ILE A 258 12.55 -19.36 -13.69
N PHE A 259 12.66 -18.10 -13.26
CA PHE A 259 13.48 -17.13 -13.97
C PHE A 259 14.95 -17.54 -13.90
N LEU A 260 15.40 -17.89 -12.71
CA LEU A 260 16.78 -18.30 -12.50
C LEU A 260 17.07 -19.47 -13.43
N TRP A 261 16.06 -20.31 -13.63
CA TRP A 261 16.21 -21.48 -14.47
C TRP A 261 16.33 -21.08 -15.95
N GLU A 262 15.45 -20.20 -16.42
CA GLU A 262 15.58 -19.64 -17.78
C GLU A 262 16.98 -19.09 -17.94
N LEU A 263 17.44 -18.39 -16.89
CA LEU A 263 18.64 -17.59 -16.95
C LEU A 263 19.88 -18.45 -17.15
N PHE A 264 20.04 -19.46 -16.31
CA PHE A 264 21.23 -20.29 -16.37
C PHE A 264 21.12 -21.36 -17.44
N SER A 265 19.97 -21.39 -18.11
CA SER A 265 19.75 -22.25 -19.27
C SER A 265 20.08 -21.52 -20.56
N LEU A 266 20.32 -20.22 -20.44
CA LEU A 266 20.43 -19.32 -21.59
C LEU A 266 19.12 -19.30 -22.38
N GLY A 267 18.02 -19.19 -21.65
CA GLY A 267 16.75 -18.90 -22.30
C GLY A 267 16.08 -20.09 -22.94
N SER A 268 16.41 -21.30 -22.50
CA SER A 268 15.63 -22.46 -22.88
C SER A 268 14.25 -22.29 -22.28
N SER A 269 13.29 -23.04 -22.80
CA SER A 269 11.93 -22.96 -22.29
C SER A 269 11.79 -23.86 -21.07
N PRO A 270 11.03 -23.42 -20.06
CA PRO A 270 10.81 -24.14 -18.80
C PRO A 270 10.01 -25.44 -18.98
N TYR A 271 10.28 -26.42 -18.12
CA TYR A 271 9.72 -27.78 -18.24
C TYR A 271 9.70 -28.21 -19.69
N PRO A 272 10.88 -28.30 -20.31
CA PRO A 272 10.98 -28.45 -21.76
C PRO A 272 10.37 -29.76 -22.25
N GLY A 273 9.55 -29.65 -23.28
CA GLY A 273 8.93 -30.84 -23.85
C GLY A 273 7.54 -31.12 -23.32
N MET A 274 7.32 -30.87 -22.02
CA MET A 274 6.01 -31.10 -21.42
C MET A 274 5.01 -30.03 -21.82
N PRO A 275 3.87 -30.46 -22.37
CA PRO A 275 2.70 -29.60 -22.56
C PRO A 275 1.95 -29.42 -21.25
N VAL A 276 1.11 -28.39 -21.18
CA VAL A 276 0.35 -28.14 -19.97
C VAL A 276 -1.05 -28.75 -20.07
N ASP A 277 -1.29 -29.78 -19.25
CA ASP A 277 -2.60 -30.40 -19.16
C ASP A 277 -2.83 -30.95 -17.75
N SER A 278 -3.86 -31.79 -17.61
CA SER A 278 -4.17 -32.39 -16.32
C SER A 278 -2.95 -33.10 -15.76
N LYS A 279 -2.26 -33.82 -16.63
CA LYS A 279 -0.98 -34.46 -16.30
C LYS A 279 -0.07 -33.45 -15.60
N PHE A 280 0.13 -32.31 -16.24
CA PHE A 280 1.08 -31.33 -15.76
C PHE A 280 0.70 -30.84 -14.36
N TYR A 281 -0.50 -30.28 -14.22
CA TYR A 281 -0.90 -29.74 -12.93
C TYR A 281 -0.79 -30.78 -11.82
N LYS A 282 -1.28 -31.98 -12.09
CA LYS A 282 -1.32 -33.03 -11.09
C LYS A 282 0.10 -33.31 -10.60
N MET A 283 1.05 -33.33 -11.54
CA MET A 283 2.45 -33.57 -11.23
C MET A 283 3.10 -32.48 -10.38
N ILE A 284 2.76 -31.22 -10.66
CA ILE A 284 3.30 -30.09 -9.89
C ILE A 284 2.80 -30.16 -8.45
N LYS A 285 1.55 -30.57 -8.29
CA LYS A 285 0.97 -30.73 -6.95
C LYS A 285 1.70 -31.86 -6.19
N GLU A 286 2.06 -32.92 -6.91
CA GLU A 286 2.72 -34.07 -6.28
C GLU A 286 4.22 -33.88 -6.23
N GLY A 287 4.67 -32.64 -6.38
CA GLY A 287 6.04 -32.31 -6.03
C GLY A 287 7.02 -32.31 -7.18
N PHE A 288 6.53 -32.50 -8.40
CA PHE A 288 7.39 -32.53 -9.57
C PHE A 288 8.13 -31.20 -9.76
N ARG A 289 9.41 -31.27 -10.10
CA ARG A 289 10.23 -30.08 -10.28
C ARG A 289 11.25 -30.24 -11.41
N MET A 290 11.79 -29.11 -11.87
CA MET A 290 12.92 -29.13 -12.79
C MET A 290 14.23 -29.39 -12.05
N LEU A 291 15.17 -30.04 -12.74
CA LEU A 291 16.50 -30.28 -12.17
C LEU A 291 17.44 -29.15 -12.58
N SER A 292 18.62 -29.12 -12.00
CA SER A 292 19.57 -28.02 -12.21
C SER A 292 19.89 -27.76 -13.67
N PRO A 293 19.88 -26.49 -14.07
CA PRO A 293 20.35 -26.11 -15.41
C PRO A 293 21.80 -26.52 -15.57
N GLU A 294 22.16 -26.93 -16.78
CA GLU A 294 23.48 -27.45 -17.03
C GLU A 294 24.56 -26.48 -16.52
N HIS A 295 24.29 -25.18 -16.60
CA HIS A 295 25.31 -24.17 -16.30
C HIS A 295 25.13 -23.44 -14.97
N ALA A 296 24.28 -23.95 -14.09
CA ALA A 296 24.07 -23.31 -12.81
C ALA A 296 25.11 -23.75 -11.77
N PRO A 297 25.75 -22.78 -11.09
CA PRO A 297 26.46 -23.13 -9.87
C PRO A 297 25.51 -23.70 -8.82
N ALA A 298 25.99 -24.70 -8.09
CA ALA A 298 25.16 -25.49 -7.20
C ALA A 298 24.36 -24.65 -6.21
N GLU A 299 24.96 -23.55 -5.74
CA GLU A 299 24.31 -22.68 -4.78
C GLU A 299 23.07 -22.04 -5.38
N MET A 300 23.22 -21.50 -6.59
CA MET A 300 22.11 -20.88 -7.29
C MET A 300 21.00 -21.89 -7.52
N TYR A 301 21.37 -23.15 -7.73
CA TYR A 301 20.39 -24.20 -7.88
C TYR A 301 19.64 -24.41 -6.58
N ASP A 302 20.37 -24.31 -5.47
CA ASP A 302 19.78 -24.49 -4.15
C ASP A 302 18.75 -23.40 -3.87
N ILE A 303 19.03 -22.19 -4.32
CA ILE A 303 18.05 -21.13 -4.23
C ILE A 303 16.83 -21.42 -5.10
N MET A 304 17.05 -21.93 -6.30
CA MET A 304 15.93 -22.31 -7.15
C MET A 304 15.04 -23.28 -6.39
N LYS A 305 15.67 -24.29 -5.80
CA LYS A 305 14.92 -25.34 -5.11
C LYS A 305 14.11 -24.76 -3.97
N THR A 306 14.73 -23.90 -3.17
CA THR A 306 14.01 -23.28 -2.06
C THR A 306 12.90 -22.34 -2.56
N CYS A 307 13.03 -21.86 -3.79
CA CYS A 307 11.99 -21.02 -4.35
C CYS A 307 10.77 -21.85 -4.75
N TRP A 308 10.98 -23.15 -4.89
CA TRP A 308 9.94 -24.04 -5.37
C TRP A 308 9.35 -24.90 -4.27
N ASP A 309 9.53 -24.48 -3.02
CA ASP A 309 8.93 -25.18 -1.90
C ASP A 309 7.42 -25.12 -2.01
N ALA A 310 6.76 -26.26 -1.94
CA ALA A 310 5.31 -26.33 -2.05
C ALA A 310 4.66 -25.49 -0.96
N ASP A 311 5.38 -25.32 0.15
CA ASP A 311 4.92 -24.51 1.27
C ASP A 311 5.39 -23.07 1.11
N PRO A 312 4.44 -22.15 0.86
CA PRO A 312 4.75 -20.74 0.63
C PRO A 312 5.60 -20.09 1.71
N LEU A 313 5.47 -20.57 2.94
CA LEU A 313 6.16 -19.94 4.07
C LEU A 313 7.57 -20.50 4.25
N LYS A 314 7.90 -21.53 3.48
CA LYS A 314 9.27 -22.07 3.51
C LYS A 314 10.16 -21.42 2.45
N ARG A 315 9.55 -20.77 1.46
CA ARG A 315 10.32 -20.12 0.40
C ARG A 315 11.04 -18.90 0.95
N PRO A 316 12.21 -18.57 0.39
CA PRO A 316 12.92 -17.36 0.83
C PRO A 316 12.13 -16.13 0.42
N THR A 317 12.35 -15.01 1.10
CA THR A 317 11.85 -13.73 0.62
C THR A 317 12.95 -13.12 -0.26
N PHE A 318 12.59 -12.15 -1.08
CA PHE A 318 13.56 -11.55 -1.99
C PHE A 318 14.69 -10.86 -1.23
N LYS A 319 14.35 -10.23 -0.11
CA LYS A 319 15.36 -9.58 0.73
C LYS A 319 16.40 -10.61 1.16
N GLN A 320 15.95 -11.82 1.47
CA GLN A 320 16.85 -12.89 1.87
C GLN A 320 17.70 -13.35 0.70
N ILE A 321 17.09 -13.42 -0.49
CA ILE A 321 17.78 -13.84 -1.69
C ILE A 321 18.87 -12.84 -2.06
N VAL A 322 18.57 -11.57 -1.89
CA VAL A 322 19.59 -10.54 -2.13
C VAL A 322 20.79 -10.78 -1.22
N GLN A 323 20.52 -10.99 0.07
CA GLN A 323 21.56 -11.09 1.08
C GLN A 323 22.41 -12.36 0.95
N LEU A 324 21.78 -13.45 0.55
CA LEU A 324 22.54 -14.65 0.19
C LEU A 324 23.57 -14.26 -0.85
N ILE A 325 23.09 -13.88 -2.03
CA ILE A 325 23.94 -13.53 -3.15
C ILE A 325 25.07 -12.60 -2.74
N GLU A 326 24.78 -11.64 -1.87
CA GLU A 326 25.79 -10.68 -1.45
C GLU A 326 26.86 -11.29 -0.55
N LYS A 327 26.93 -12.61 -0.54
CA LYS A 327 27.96 -13.33 0.20
C LYS A 327 28.50 -14.48 -0.65
N GLN A 328 27.60 -15.16 -1.35
CA GLN A 328 28.00 -16.05 -2.44
C GLN A 328 28.83 -15.28 -3.49
N ILE A 329 29.23 -14.05 -3.14
CA ILE A 329 29.86 -13.16 -4.10
C ILE A 329 31.37 -13.25 -4.05
N SER A 330 31.92 -13.44 -2.85
CA SER A 330 33.37 -13.51 -2.68
C SER A 330 33.90 -14.94 -2.79
N GLU A 331 33.00 -15.90 -2.96
CA GLU A 331 33.38 -17.30 -2.90
C GLU A 331 33.15 -18.03 -4.22
N ASN B 23 -5.05 -9.27 -16.26
CA ASN B 23 -3.99 -9.50 -17.28
C ASN B 23 -3.17 -8.22 -17.48
N GLY B 24 -3.84 -7.15 -17.93
CA GLY B 24 -3.17 -5.88 -18.13
C GLY B 24 -2.74 -5.26 -16.82
N ASN B 25 -1.63 -4.53 -16.85
CA ASN B 25 -1.02 -4.01 -15.62
C ASN B 25 -0.53 -5.17 -14.75
N ASN B 26 0.76 -5.47 -14.87
CA ASN B 26 1.40 -6.57 -14.14
C ASN B 26 1.83 -6.19 -12.73
N TYR B 27 2.00 -4.89 -12.49
CA TYR B 27 2.32 -4.41 -11.16
C TYR B 27 1.03 -4.26 -10.36
N VAL B 28 0.81 -5.18 -9.43
CA VAL B 28 -0.37 -5.12 -8.60
C VAL B 28 0.00 -4.87 -7.14
N TYR B 29 -0.55 -3.80 -6.60
CA TYR B 29 -0.43 -3.51 -5.17
C TYR B 29 -1.19 -4.55 -4.34
N ILE B 30 -0.49 -5.15 -3.38
CA ILE B 30 -1.15 -6.08 -2.45
C ILE B 30 -1.43 -5.39 -1.13
N ASP B 31 -2.66 -5.49 -0.70
CA ASP B 31 -3.09 -4.82 0.52
C ASP B 31 -2.99 -5.80 1.68
N PRO B 32 -2.48 -5.35 2.82
CA PRO B 32 -2.30 -6.25 3.96
C PRO B 32 -3.58 -6.91 4.48
N THR B 33 -4.72 -6.37 4.10
CA THR B 33 -5.99 -7.02 4.43
C THR B 33 -6.11 -8.38 3.77
N GLN B 34 -5.72 -8.46 2.51
CA GLN B 34 -5.77 -9.70 1.76
C GLN B 34 -4.40 -10.36 1.81
N LEU B 35 -4.18 -11.25 2.76
CA LEU B 35 -2.84 -11.74 3.05
C LEU B 35 -2.88 -12.58 4.33
N PRO B 36 -1.94 -13.54 4.49
CA PRO B 36 -2.08 -14.48 5.60
C PRO B 36 -2.01 -13.80 6.96
N TYR B 37 -2.87 -14.24 7.88
CA TYR B 37 -2.79 -13.81 9.26
C TYR B 37 -1.59 -14.46 9.93
N ASP B 38 -0.64 -13.64 10.36
CA ASP B 38 0.54 -14.12 11.07
C ASP B 38 0.14 -14.55 12.50
N HIS B 39 0.56 -15.76 12.88
CA HIS B 39 0.08 -16.40 14.11
C HIS B 39 0.94 -16.05 15.31
N LYS B 40 2.03 -15.33 15.08
CA LYS B 40 2.88 -14.88 16.18
C LYS B 40 2.08 -14.00 17.14
N TRP B 41 0.90 -13.54 16.70
CA TRP B 41 0.05 -12.69 17.52
C TRP B 41 -0.89 -13.51 18.40
N GLU B 42 -1.15 -14.74 17.98
CA GLU B 42 -2.17 -15.54 18.64
C GLU B 42 -1.82 -15.74 20.10
N PHE B 43 -2.83 -15.66 20.94
CA PHE B 43 -2.65 -15.64 22.38
C PHE B 43 -3.84 -16.40 22.94
N PRO B 44 -3.61 -17.18 24.00
CA PRO B 44 -4.62 -18.09 24.56
C PRO B 44 -5.79 -17.34 25.19
N ARG B 45 -7.00 -17.59 24.71
CA ARG B 45 -8.15 -16.90 25.22
C ARG B 45 -8.51 -17.32 26.65
N ASN B 46 -7.86 -18.37 27.14
CA ASN B 46 -8.03 -18.78 28.53
C ASN B 46 -7.09 -18.00 29.47
N ARG B 47 -6.42 -16.98 28.92
CA ARG B 47 -5.57 -16.10 29.72
C ARG B 47 -6.09 -14.66 29.73
N LEU B 48 -7.38 -14.50 29.45
CA LEU B 48 -8.01 -13.18 29.50
C LEU B 48 -9.21 -13.22 30.42
N SER B 49 -9.36 -12.20 31.26
CA SER B 49 -10.55 -12.05 32.07
C SER B 49 -11.26 -10.75 31.72
N PHE B 50 -12.44 -10.86 31.12
CA PHE B 50 -13.16 -9.68 30.68
C PHE B 50 -13.77 -8.92 31.84
N GLY B 51 -13.79 -7.61 31.72
CA GLY B 51 -14.32 -6.76 32.76
C GLY B 51 -15.33 -5.80 32.17
N LYS B 52 -15.33 -4.56 32.64
CA LYS B 52 -16.34 -3.58 32.24
C LYS B 52 -16.17 -3.12 30.78
N THR B 53 -17.28 -2.88 30.12
CA THR B 53 -17.25 -2.39 28.75
C THR B 53 -16.83 -0.93 28.73
N LEU B 54 -16.08 -0.54 27.70
CA LEU B 54 -15.58 0.82 27.58
C LEU B 54 -16.31 1.56 26.49
N GLY B 55 -16.81 0.81 25.51
CA GLY B 55 -17.54 1.39 24.41
C GLY B 55 -18.19 0.31 23.59
N ALA B 56 -19.37 0.58 23.05
CA ALA B 56 -20.04 -0.40 22.22
C ALA B 56 -20.81 0.24 21.06
N GLY B 57 -20.84 -0.46 19.93
CA GLY B 57 -21.74 -0.11 18.86
C GLY B 57 -22.87 -1.12 18.86
N ALA B 58 -23.66 -1.14 17.78
CA ALA B 58 -24.71 -2.11 17.64
C ALA B 58 -24.12 -3.52 17.49
N PHE B 59 -22.93 -3.60 16.90
CA PHE B 59 -22.40 -4.90 16.50
C PHE B 59 -21.12 -5.31 17.24
N GLY B 60 -20.55 -4.38 17.99
CA GLY B 60 -19.28 -4.68 18.64
C GLY B 60 -19.05 -3.82 19.87
N LYS B 61 -17.98 -4.14 20.60
CA LYS B 61 -17.70 -3.46 21.85
C LYS B 61 -16.23 -3.55 22.20
N VAL B 62 -15.73 -2.57 22.92
CA VAL B 62 -14.39 -2.68 23.48
C VAL B 62 -14.50 -2.91 24.97
N VAL B 63 -13.78 -3.91 25.44
CA VAL B 63 -13.86 -4.35 26.82
C VAL B 63 -12.53 -4.24 27.55
N GLU B 64 -12.60 -3.80 28.79
CA GLU B 64 -11.47 -3.80 29.71
C GLU B 64 -11.23 -5.24 30.14
N ALA B 65 -9.96 -5.61 30.30
CA ALA B 65 -9.64 -7.01 30.55
C ALA B 65 -8.29 -7.14 31.24
N THR B 66 -8.05 -8.32 31.84
CA THR B 66 -6.74 -8.63 32.41
C THR B 66 -6.09 -9.74 31.59
N ALA B 67 -4.86 -9.51 31.14
CA ALA B 67 -4.12 -10.53 30.41
C ALA B 67 -2.97 -11.06 31.26
N TYR B 68 -3.04 -12.34 31.57
CA TYR B 68 -2.03 -12.99 32.41
C TYR B 68 -0.95 -13.57 31.50
N GLY B 69 0.31 -13.27 31.81
CA GLY B 69 1.41 -13.76 31.01
C GLY B 69 1.42 -13.25 29.58
N LEU B 70 1.23 -11.95 29.40
CA LEU B 70 1.33 -11.35 28.07
C LEU B 70 2.73 -10.77 27.88
N ILE B 71 3.27 -10.20 28.95
CA ILE B 71 4.68 -9.81 28.99
C ILE B 71 5.34 -10.40 30.24
N LYS B 72 6.52 -10.99 30.05
CA LYS B 72 7.16 -11.77 31.11
C LYS B 72 7.42 -10.93 32.37
N SER B 73 7.32 -9.61 32.24
CA SER B 73 7.55 -8.72 33.38
C SER B 73 6.26 -8.43 34.15
N ASP B 74 5.14 -8.38 33.42
CA ASP B 74 3.85 -8.06 34.03
C ASP B 74 2.97 -9.30 33.96
N ALA B 75 2.74 -9.94 35.10
CA ALA B 75 1.98 -11.17 35.12
C ALA B 75 0.52 -10.88 34.80
N ALA B 76 0.07 -9.69 35.18
CA ALA B 76 -1.32 -9.29 34.95
C ALA B 76 -1.44 -7.81 34.58
N MET B 77 -1.58 -7.53 33.28
CA MET B 77 -1.73 -6.16 32.83
C MET B 77 -3.11 -5.92 32.26
N THR B 78 -3.63 -4.72 32.47
CA THR B 78 -4.92 -4.35 31.90
C THR B 78 -4.72 -4.09 30.42
N VAL B 79 -5.68 -4.56 29.63
CA VAL B 79 -5.61 -4.44 28.19
C VAL B 79 -7.01 -4.14 27.72
N ALA B 80 -7.16 -3.82 26.45
CA ALA B 80 -8.46 -3.61 25.87
C ALA B 80 -8.72 -4.70 24.86
N VAL B 81 -9.95 -5.20 24.83
CA VAL B 81 -10.29 -6.24 23.87
C VAL B 81 -11.46 -5.81 23.02
N LYS B 82 -11.28 -5.94 21.71
CA LYS B 82 -12.31 -5.59 20.74
C LYS B 82 -12.93 -6.90 20.30
N MET B 83 -14.26 -6.93 20.23
CA MET B 83 -14.99 -8.16 19.92
C MET B 83 -16.38 -7.80 19.44
N LEU B 84 -16.96 -8.71 18.65
CA LEU B 84 -18.30 -8.55 18.14
C LEU B 84 -19.37 -8.98 19.14
N LYS B 85 -20.55 -8.39 19.03
CA LYS B 85 -21.72 -8.87 19.75
C LYS B 85 -22.45 -9.90 18.90
N PRO B 86 -23.19 -10.82 19.54
CA PRO B 86 -23.96 -11.81 18.78
C PRO B 86 -24.99 -11.20 17.83
N SER B 87 -25.04 -9.86 17.79
CA SER B 87 -25.92 -9.16 16.86
C SER B 87 -25.31 -9.07 15.47
N ALA B 88 -24.07 -9.55 15.32
CA ALA B 88 -23.24 -9.24 14.16
C ALA B 88 -23.26 -10.30 13.07
N HIS B 89 -23.20 -9.85 11.83
CA HIS B 89 -23.30 -10.71 10.67
C HIS B 89 -21.92 -11.02 10.10
N LEU B 90 -21.88 -11.68 8.94
CA LEU B 90 -20.62 -12.02 8.28
C LEU B 90 -19.84 -10.76 7.91
N THR B 91 -20.54 -9.71 7.51
CA THR B 91 -19.89 -8.49 7.09
C THR B 91 -19.02 -7.94 8.22
N GLU B 92 -19.59 -7.90 9.42
CA GLU B 92 -18.89 -7.38 10.60
C GLU B 92 -17.71 -8.27 11.00
N ARG B 93 -17.92 -9.58 10.94
CA ARG B 93 -16.90 -10.55 11.33
C ARG B 93 -15.64 -10.38 10.48
N GLU B 94 -15.85 -10.01 9.22
CA GLU B 94 -14.75 -9.83 8.30
C GLU B 94 -14.10 -8.48 8.53
N ALA B 95 -14.91 -7.49 8.87
CA ALA B 95 -14.39 -6.16 9.19
C ALA B 95 -13.42 -6.25 10.36
N LEU B 96 -13.83 -6.95 11.42
CA LEU B 96 -13.00 -7.11 12.59
C LEU B 96 -11.68 -7.81 12.27
N MET B 97 -11.74 -8.81 11.39
CA MET B 97 -10.54 -9.54 10.99
C MET B 97 -9.62 -8.66 10.13
N SER B 98 -10.22 -7.87 9.24
CA SER B 98 -9.47 -6.86 8.49
C SER B 98 -8.76 -5.87 9.39
N GLU B 99 -9.46 -5.40 10.43
CA GLU B 99 -8.87 -4.45 11.37
C GLU B 99 -7.66 -5.09 12.03
N LEU B 100 -7.86 -6.31 12.52
CA LEU B 100 -6.78 -7.09 13.10
C LEU B 100 -5.60 -7.21 12.13
N LYS B 101 -5.87 -7.53 10.87
CA LYS B 101 -4.79 -7.68 9.91
C LYS B 101 -4.07 -6.36 9.68
N VAL B 102 -4.84 -5.28 9.50
CA VAL B 102 -4.27 -3.96 9.33
C VAL B 102 -3.35 -3.61 10.48
N LEU B 103 -3.84 -3.77 11.70
CA LEU B 103 -3.08 -3.42 12.89
C LEU B 103 -1.79 -4.23 12.98
N SER B 104 -1.87 -5.46 12.51
CA SER B 104 -0.74 -6.39 12.53
C SER B 104 0.43 -5.96 11.62
N TYR B 105 0.14 -5.17 10.59
CA TYR B 105 1.18 -4.72 9.66
C TYR B 105 1.77 -3.34 10.01
N LEU B 106 1.00 -2.50 10.69
CA LEU B 106 1.44 -1.14 11.02
C LEU B 106 2.80 -1.07 11.69
N GLY B 107 3.00 -1.88 12.71
CA GLY B 107 4.16 -1.73 13.57
C GLY B 107 3.77 -0.93 14.79
N ASN B 108 4.71 -0.74 15.71
CA ASN B 108 4.45 0.05 16.89
C ASN B 108 4.90 1.51 16.76
N HIS B 109 4.24 2.37 17.51
CA HIS B 109 4.66 3.75 17.67
C HIS B 109 4.04 4.27 18.97
N MET B 110 4.75 5.16 19.64
CA MET B 110 4.28 5.61 20.93
C MET B 110 2.90 6.25 20.84
N ASN B 111 2.58 6.85 19.71
CA ASN B 111 1.39 7.71 19.63
C ASN B 111 0.17 7.07 18.95
N ILE B 112 0.18 5.76 18.79
CA ILE B 112 -1.03 5.05 18.43
C ILE B 112 -1.31 4.00 19.50
N VAL B 113 -2.52 3.47 19.51
CA VAL B 113 -2.85 2.32 20.35
C VAL B 113 -2.39 1.05 19.63
N ASN B 114 -1.48 0.31 20.25
CA ASN B 114 -0.84 -0.82 19.58
C ASN B 114 -1.47 -2.18 19.83
N LEU B 115 -1.37 -3.03 18.81
CA LEU B 115 -1.76 -4.43 18.88
C LEU B 115 -0.90 -5.20 19.87
N LEU B 116 -1.55 -5.96 20.74
CA LEU B 116 -0.81 -6.77 21.71
C LEU B 116 -0.96 -8.25 21.37
N GLY B 117 -2.09 -8.60 20.76
CA GLY B 117 -2.33 -9.98 20.39
C GLY B 117 -3.76 -10.21 19.94
N ALA B 118 -4.04 -11.42 19.48
CA ALA B 118 -5.39 -11.78 19.07
C ALA B 118 -5.76 -13.21 19.47
N CYS B 119 -7.05 -13.50 19.43
CA CYS B 119 -7.56 -14.85 19.65
C CYS B 119 -8.48 -15.18 18.49
N THR B 120 -8.05 -16.11 17.65
CA THR B 120 -8.85 -16.51 16.48
C THR B 120 -9.36 -17.93 16.58
N ILE B 121 -8.55 -18.82 17.14
CA ILE B 121 -8.92 -20.23 17.26
C ILE B 121 -9.77 -20.51 18.49
N GLY B 122 -10.83 -21.29 18.31
CA GLY B 122 -11.59 -21.78 19.45
C GLY B 122 -12.52 -20.73 20.03
N GLY B 123 -13.16 -19.97 19.17
CA GLY B 123 -14.10 -18.97 19.63
C GLY B 123 -14.18 -17.77 18.71
N PRO B 124 -14.94 -16.73 19.07
CA PRO B 124 -15.02 -15.50 18.30
C PRO B 124 -13.68 -14.76 18.30
N THR B 125 -13.44 -13.98 17.27
CA THR B 125 -12.19 -13.21 17.18
C THR B 125 -12.10 -12.15 18.28
N LEU B 126 -10.97 -12.12 18.97
CA LEU B 126 -10.72 -11.08 19.97
C LEU B 126 -9.42 -10.37 19.62
N VAL B 127 -9.47 -9.05 19.51
CA VAL B 127 -8.29 -8.24 19.21
C VAL B 127 -7.83 -7.52 20.46
N ILE B 128 -6.62 -7.81 20.91
CA ILE B 128 -6.12 -7.26 22.17
C ILE B 128 -5.17 -6.10 21.90
N THR B 129 -5.52 -4.92 22.42
CA THR B 129 -4.70 -3.72 22.22
C THR B 129 -4.44 -3.06 23.57
N GLU B 130 -3.68 -1.97 23.56
CA GLU B 130 -3.36 -1.23 24.77
C GLU B 130 -4.58 -0.61 25.43
N TYR B 131 -4.55 -0.59 26.75
CA TYR B 131 -5.53 0.09 27.56
C TYR B 131 -5.01 1.49 27.87
N CYS B 132 -5.86 2.49 27.74
CA CYS B 132 -5.44 3.86 28.01
C CYS B 132 -6.23 4.43 29.19
N CYS B 133 -5.59 4.51 30.35
CA CYS B 133 -6.36 4.69 31.57
C CYS B 133 -7.14 6.00 31.69
N TYR B 134 -6.71 7.05 31.01
CA TYR B 134 -7.40 8.33 31.14
C TYR B 134 -8.52 8.56 30.15
N GLY B 135 -8.83 7.55 29.36
CA GLY B 135 -9.98 7.65 28.48
C GLY B 135 -9.72 8.56 27.31
N ASP B 136 -10.77 9.06 26.68
CA ASP B 136 -10.59 9.79 25.45
C ASP B 136 -10.50 11.31 25.62
N LEU B 137 -9.89 11.96 24.63
CA LEU B 137 -9.45 13.33 24.75
C LEU B 137 -10.58 14.33 24.76
N LEU B 138 -11.63 14.08 23.97
CA LEU B 138 -12.77 14.98 23.93
C LEU B 138 -13.43 15.11 25.31
N ASN B 139 -13.75 13.98 25.93
CA ASN B 139 -14.33 14.00 27.27
C ASN B 139 -13.43 14.74 28.23
N PHE B 140 -12.16 14.36 28.24
CA PHE B 140 -11.19 15.00 29.09
C PHE B 140 -11.25 16.51 28.87
N LEU B 141 -11.17 16.93 27.61
CA LEU B 141 -11.22 18.36 27.30
C LEU B 141 -12.48 19.04 27.82
N ARG B 142 -13.61 18.35 27.75
CA ARG B 142 -14.88 18.96 28.13
C ARG B 142 -15.07 19.04 29.64
N ARG B 143 -14.70 17.99 30.36
CA ARG B 143 -14.86 18.02 31.81
C ARG B 143 -13.84 18.96 32.41
N LYS B 144 -12.91 19.43 31.58
CA LYS B 144 -11.85 20.31 32.02
C LYS B 144 -12.01 21.73 31.48
N ARG B 145 -13.10 21.98 30.76
CA ARG B 145 -13.31 23.27 30.10
C ARG B 145 -13.41 24.39 31.14
N ASP B 146 -13.89 24.03 32.33
CA ASP B 146 -14.09 24.98 33.41
C ASP B 146 -12.78 25.37 34.07
N SER B 147 -12.17 24.42 34.78
CA SER B 147 -10.87 24.66 35.41
C SER B 147 -9.74 24.53 34.38
N PHE B 148 -9.58 25.57 33.56
CA PHE B 148 -8.56 25.57 32.52
C PHE B 148 -7.42 26.54 32.85
N LEU B 165 -5.44 21.59 33.77
CA LEU B 165 -5.01 21.51 32.38
C LEU B 165 -4.84 22.91 31.80
N ASP B 166 -3.74 23.13 31.08
CA ASP B 166 -3.48 24.45 30.52
C ASP B 166 -3.00 24.41 29.07
N LEU B 167 -2.63 25.58 28.57
CA LEU B 167 -2.29 25.76 27.16
C LEU B 167 -1.17 24.82 26.70
N GLU B 168 -0.18 24.59 27.55
CA GLU B 168 0.99 23.83 27.15
C GLU B 168 0.63 22.37 26.89
N ASP B 169 -0.33 21.85 27.65
CA ASP B 169 -0.81 20.49 27.42
C ASP B 169 -1.46 20.37 26.04
N LEU B 170 -2.12 21.43 25.60
CA LEU B 170 -2.78 21.43 24.31
C LEU B 170 -1.78 21.48 23.16
N LEU B 171 -0.69 22.22 23.33
CA LEU B 171 0.39 22.23 22.35
C LEU B 171 0.98 20.81 22.24
N SER B 172 1.14 20.18 23.39
CA SER B 172 1.69 18.84 23.46
C SER B 172 0.79 17.83 22.75
N PHE B 173 -0.52 17.96 22.91
CA PHE B 173 -1.42 16.97 22.30
C PHE B 173 -1.41 17.06 20.79
N SER B 174 -1.30 18.28 20.26
CA SER B 174 -1.39 18.46 18.82
C SER B 174 -0.09 18.01 18.16
N TYR B 175 1.02 18.18 18.87
CA TYR B 175 2.31 17.70 18.41
C TYR B 175 2.31 16.16 18.37
N GLN B 176 1.80 15.55 19.43
CA GLN B 176 1.78 14.11 19.54
C GLN B 176 0.82 13.48 18.53
N VAL B 177 -0.31 14.11 18.30
CA VAL B 177 -1.24 13.58 17.31
C VAL B 177 -0.65 13.74 15.91
N ALA B 178 0.05 14.84 15.68
CA ALA B 178 0.74 15.02 14.41
C ALA B 178 1.78 13.90 14.17
N LYS B 179 2.56 13.58 15.20
CA LYS B 179 3.59 12.56 15.05
C LYS B 179 2.92 11.23 14.73
N GLY B 180 1.82 10.95 15.41
CA GLY B 180 1.10 9.70 15.19
C GLY B 180 0.50 9.59 13.80
N MET B 181 -0.01 10.71 13.27
CA MET B 181 -0.48 10.72 11.89
C MET B 181 0.70 10.60 10.92
N ALA B 182 1.83 11.23 11.24
CA ALA B 182 3.01 11.09 10.40
C ALA B 182 3.46 9.63 10.32
N PHE B 183 3.41 8.91 11.43
CA PHE B 183 3.76 7.48 11.42
C PHE B 183 2.77 6.70 10.53
N LEU B 184 1.48 6.87 10.77
CA LEU B 184 0.49 6.20 9.93
C LEU B 184 0.72 6.46 8.43
N ALA B 185 1.03 7.70 8.08
CA ALA B 185 1.25 8.05 6.69
C ALA B 185 2.56 7.46 6.14
N SER B 186 3.60 7.36 6.97
CA SER B 186 4.82 6.72 6.51
C SER B 186 4.59 5.22 6.25
N LYS B 187 3.55 4.64 6.86
CA LYS B 187 3.19 3.25 6.60
C LYS B 187 2.08 3.19 5.57
N ASN B 188 1.85 4.31 4.90
CA ASN B 188 0.86 4.38 3.84
C ASN B 188 -0.58 4.24 4.32
N CYS B 189 -0.80 4.46 5.61
CA CYS B 189 -2.10 4.26 6.22
C CYS B 189 -2.84 5.59 6.43
N ILE B 190 -4.15 5.56 6.20
CA ILE B 190 -5.02 6.72 6.38
C ILE B 190 -5.97 6.49 7.55
N HIS B 191 -6.27 7.53 8.32
CA HIS B 191 -7.35 7.46 9.30
C HIS B 191 -8.59 8.19 8.79
N ARG B 192 -9.68 7.46 8.58
CA ARG B 192 -10.89 8.05 8.04
C ARG B 192 -11.86 8.55 9.10
N ASP B 193 -11.38 8.74 10.33
CA ASP B 193 -12.20 9.34 11.39
C ASP B 193 -11.32 10.03 12.44
N LEU B 194 -10.41 10.87 11.97
CA LEU B 194 -9.56 11.62 12.88
C LEU B 194 -10.37 12.73 13.56
N ALA B 195 -10.34 12.74 14.88
CA ALA B 195 -11.19 13.60 15.67
C ALA B 195 -10.86 13.38 17.14
N ALA B 196 -11.06 14.40 17.96
CA ALA B 196 -10.71 14.30 19.37
C ALA B 196 -11.33 13.09 20.06
N ARG B 197 -12.50 12.65 19.59
CA ARG B 197 -13.17 11.54 20.22
C ARG B 197 -12.45 10.20 19.97
N ASN B 198 -11.49 10.20 19.06
CA ASN B 198 -10.70 8.99 18.81
C ASN B 198 -9.25 9.13 19.27
N ILE B 199 -8.98 10.11 20.13
CA ILE B 199 -7.67 10.17 20.77
C ILE B 199 -7.79 9.72 22.23
N LEU B 200 -6.93 8.80 22.63
CA LEU B 200 -6.95 8.29 24.00
C LEU B 200 -5.76 8.81 24.80
N LEU B 201 -5.92 8.82 26.12
CA LEU B 201 -4.93 9.37 27.03
C LEU B 201 -4.41 8.25 27.93
N THR B 202 -3.09 8.19 28.08
CA THR B 202 -2.44 7.21 28.96
C THR B 202 -1.38 7.92 29.80
N HIS B 203 -0.45 7.18 30.38
CA HIS B 203 0.51 7.76 31.31
C HIS B 203 1.53 8.63 30.59
N GLY B 204 2.36 9.32 31.37
CA GLY B 204 3.46 10.08 30.81
C GLY B 204 2.92 11.23 29.97
N ARG B 205 1.63 11.48 30.12
CA ARG B 205 0.98 12.52 29.34
C ARG B 205 1.01 12.17 27.85
N ILE B 206 0.96 10.88 27.53
CA ILE B 206 0.97 10.41 26.14
C ILE B 206 -0.42 10.30 25.53
N THR B 207 -0.58 10.82 24.31
CA THR B 207 -1.81 10.62 23.58
C THR B 207 -1.63 9.59 22.49
N LYS B 208 -2.70 8.89 22.18
CA LYS B 208 -2.65 7.79 21.24
C LYS B 208 -3.84 7.80 20.30
N ILE B 209 -3.55 7.75 19.01
CA ILE B 209 -4.59 7.69 18.01
C ILE B 209 -5.21 6.31 18.06
N CYS B 210 -6.51 6.24 17.76
CA CYS B 210 -7.27 5.03 17.98
C CYS B 210 -8.27 4.79 16.85
N ASP B 211 -8.52 3.52 16.55
CA ASP B 211 -9.62 3.12 15.67
C ASP B 211 -10.76 2.64 16.58
N PHE B 212 -11.88 3.32 16.52
CA PHE B 212 -13.01 2.94 17.36
C PHE B 212 -14.03 2.10 16.58
N GLY B 213 -13.71 1.82 15.32
CA GLY B 213 -14.63 1.09 14.46
C GLY B 213 -15.40 -0.02 15.14
N LEU B 214 -16.73 -0.03 14.91
CA LEU B 214 -17.61 -1.04 15.48
C LEU B 214 -17.96 -0.85 16.96
N ALA B 215 -17.09 -0.21 17.73
CA ALA B 215 -17.31 -0.04 19.16
C ALA B 215 -17.94 1.31 19.47
N ARG B 216 -18.64 1.88 18.51
CA ARG B 216 -19.23 3.20 18.70
C ARG B 216 -20.55 3.24 17.94
N HIS B 217 -21.61 3.75 18.55
CA HIS B 217 -22.86 3.84 17.81
C HIS B 217 -23.14 5.21 17.22
N ILE B 218 -23.21 5.25 15.91
CA ILE B 218 -23.17 6.51 15.19
C ILE B 218 -24.54 7.05 14.81
N LYS B 219 -25.56 6.20 14.80
CA LYS B 219 -26.92 6.68 14.61
C LYS B 219 -27.40 7.49 15.82
N ASN B 220 -26.70 7.35 16.95
CA ASN B 220 -27.01 8.09 18.17
C ASN B 220 -26.21 9.39 18.28
N ASP B 221 -25.16 9.52 17.47
CA ASP B 221 -24.24 10.65 17.54
C ASP B 221 -24.43 11.60 16.36
N SER B 222 -24.75 12.85 16.66
CA SER B 222 -25.04 13.85 15.63
C SER B 222 -23.80 14.30 14.86
N ASN B 223 -22.63 13.86 15.32
CA ASN B 223 -21.39 14.19 14.62
C ASN B 223 -21.29 13.34 13.36
N TYR B 224 -22.06 12.26 13.34
CA TYR B 224 -22.17 11.42 12.17
C TYR B 224 -23.52 11.67 11.50
N VAL B 225 -23.47 11.92 10.21
CA VAL B 225 -24.63 12.36 9.45
C VAL B 225 -24.70 11.64 8.10
N VAL B 226 -25.92 11.35 7.67
CA VAL B 226 -26.13 10.60 6.45
C VAL B 226 -25.65 11.35 5.21
N LYS B 227 -24.85 10.67 4.39
CA LYS B 227 -24.54 11.11 3.04
C LYS B 227 -24.37 9.86 2.19
N GLY B 228 -25.13 9.77 1.10
CA GLY B 228 -25.21 8.51 0.37
C GLY B 228 -25.77 7.41 1.25
N ASN B 229 -25.16 6.23 1.19
CA ASN B 229 -25.57 5.13 2.05
C ASN B 229 -25.09 5.29 3.49
N ALA B 230 -23.93 5.92 3.67
CA ALA B 230 -23.22 5.90 4.95
C ALA B 230 -23.58 7.03 5.90
N ARG B 231 -23.37 6.80 7.19
CA ARG B 231 -23.28 7.88 8.18
C ARG B 231 -21.81 8.27 8.40
N LEU B 232 -21.47 9.50 8.00
CA LEU B 232 -20.08 9.96 8.03
C LEU B 232 -19.87 11.17 8.95
N PRO B 233 -18.63 11.40 9.38
CA PRO B 233 -18.29 12.59 10.16
C PRO B 233 -17.96 13.77 9.26
N VAL B 234 -18.97 14.31 8.57
CA VAL B 234 -18.68 15.21 7.46
C VAL B 234 -18.04 16.53 7.88
N LYS B 235 -18.28 16.96 9.11
CA LYS B 235 -17.68 18.20 9.57
C LYS B 235 -16.16 18.09 9.81
N TRP B 236 -15.66 16.85 9.89
CA TRP B 236 -14.22 16.61 9.93
C TRP B 236 -13.61 16.27 8.57
N MET B 237 -14.42 16.29 7.51
CA MET B 237 -13.98 15.73 6.23
C MET B 237 -13.61 16.76 5.16
N ALA B 238 -12.57 16.46 4.40
CA ALA B 238 -12.15 17.30 3.30
C ALA B 238 -13.20 17.30 2.19
N PRO B 239 -13.40 18.46 1.53
CA PRO B 239 -14.39 18.53 0.48
C PRO B 239 -14.21 17.48 -0.61
N GLU B 240 -12.98 17.27 -1.06
CA GLU B 240 -12.73 16.23 -2.07
C GLU B 240 -13.16 14.86 -1.57
N SER B 241 -13.26 14.70 -0.25
CA SER B 241 -13.75 13.46 0.34
C SER B 241 -15.27 13.42 0.31
N ILE B 242 -15.89 14.59 0.50
CA ILE B 242 -17.34 14.68 0.58
C ILE B 242 -18.01 14.61 -0.79
N PHE B 243 -17.47 15.35 -1.75
CA PHE B 243 -18.07 15.46 -3.07
C PHE B 243 -17.58 14.40 -4.06
N ASN B 244 -16.31 14.05 -3.98
CA ASN B 244 -15.70 13.16 -4.97
C ASN B 244 -15.29 11.82 -4.37
N CYS B 245 -15.61 11.61 -3.11
CA CYS B 245 -15.35 10.33 -2.44
C CYS B 245 -13.88 9.88 -2.54
N VAL B 246 -12.98 10.85 -2.47
CA VAL B 246 -11.56 10.58 -2.55
C VAL B 246 -10.91 10.72 -1.19
N TYR B 247 -10.34 9.64 -0.67
CA TYR B 247 -9.64 9.68 0.60
C TYR B 247 -8.13 9.61 0.46
N THR B 248 -7.48 10.77 0.35
CA THR B 248 -6.04 10.82 0.22
C THR B 248 -5.34 11.06 1.55
N PHE B 249 -4.02 11.22 1.49
CA PHE B 249 -3.24 11.58 2.67
C PHE B 249 -3.50 13.00 3.10
N GLU B 250 -3.85 13.86 2.14
CA GLU B 250 -4.17 15.23 2.47
C GLU B 250 -5.58 15.38 2.99
N SER B 251 -6.43 14.39 2.75
CA SER B 251 -7.75 14.37 3.34
C SER B 251 -7.62 14.32 4.86
N ASP B 252 -6.65 13.54 5.33
CA ASP B 252 -6.39 13.40 6.75
C ASP B 252 -5.91 14.72 7.35
N VAL B 253 -5.15 15.46 6.57
CA VAL B 253 -4.56 16.70 7.05
C VAL B 253 -5.65 17.75 7.31
N TRP B 254 -6.70 17.70 6.49
CA TRP B 254 -7.86 18.56 6.72
C TRP B 254 -8.46 18.25 8.09
N SER B 255 -8.67 16.97 8.36
CA SER B 255 -9.30 16.54 9.60
C SER B 255 -8.45 16.92 10.79
N TYR B 256 -7.14 16.88 10.59
CA TYR B 256 -6.20 17.27 11.62
C TYR B 256 -6.46 18.73 11.96
N GLY B 257 -6.63 19.53 10.93
CA GLY B 257 -7.02 20.92 11.10
C GLY B 257 -8.28 21.12 11.93
N ILE B 258 -9.34 20.36 11.61
CA ILE B 258 -10.57 20.46 12.38
C ILE B 258 -10.30 19.99 13.80
N PHE B 259 -9.38 19.05 13.94
CA PHE B 259 -9.03 18.54 15.26
C PHE B 259 -8.36 19.61 16.10
N LEU B 260 -7.47 20.38 15.49
CA LEU B 260 -6.82 21.47 16.20
C LEU B 260 -7.87 22.48 16.69
N TRP B 261 -8.81 22.83 15.83
CA TRP B 261 -9.89 23.73 16.21
C TRP B 261 -10.69 23.14 17.38
N GLU B 262 -11.10 21.89 17.22
CA GLU B 262 -11.76 21.12 18.26
C GLU B 262 -10.95 21.25 19.56
N LEU B 263 -9.64 21.14 19.44
CA LEU B 263 -8.73 21.09 20.58
C LEU B 263 -8.57 22.42 21.31
N PHE B 264 -8.39 23.51 20.57
CA PHE B 264 -8.16 24.81 21.16
C PHE B 264 -9.46 25.52 21.53
N SER B 265 -10.58 24.91 21.14
CA SER B 265 -11.92 25.32 21.58
C SER B 265 -12.29 24.57 22.84
N LEU B 266 -11.39 23.72 23.32
CA LEU B 266 -11.65 22.94 24.52
C LEU B 266 -12.89 22.07 24.33
N GLY B 267 -12.93 21.35 23.23
CA GLY B 267 -13.92 20.30 23.06
C GLY B 267 -15.25 20.72 22.48
N SER B 268 -15.30 21.88 21.84
CA SER B 268 -16.53 22.33 21.21
C SER B 268 -16.71 21.62 19.87
N SER B 269 -17.93 21.60 19.36
CA SER B 269 -18.19 21.13 18.02
C SER B 269 -17.74 22.10 16.95
N PRO B 270 -17.25 21.57 15.81
CA PRO B 270 -16.91 22.34 14.61
C PRO B 270 -18.17 22.96 13.96
N TYR B 271 -18.03 24.18 13.42
CA TYR B 271 -19.17 24.94 12.91
C TYR B 271 -20.33 24.82 13.90
N PRO B 272 -20.11 25.28 15.13
CA PRO B 272 -21.06 25.03 16.21
C PRO B 272 -22.45 25.58 15.90
N GLY B 273 -23.46 24.72 16.09
CA GLY B 273 -24.84 25.14 15.94
C GLY B 273 -25.41 24.90 14.56
N MET B 274 -24.55 24.84 13.56
CA MET B 274 -24.99 24.74 12.17
C MET B 274 -25.12 23.29 11.74
N PRO B 275 -26.32 22.88 11.30
CA PRO B 275 -26.56 21.52 10.83
C PRO B 275 -25.96 21.25 9.46
N VAL B 276 -25.65 19.97 9.19
CA VAL B 276 -25.14 19.56 7.89
C VAL B 276 -26.28 19.37 6.91
N ASP B 277 -26.22 20.09 5.80
CA ASP B 277 -27.30 20.12 4.83
C ASP B 277 -26.74 20.78 3.57
N SER B 278 -27.61 21.09 2.62
CA SER B 278 -27.21 21.66 1.33
C SER B 278 -26.42 22.94 1.53
N LYS B 279 -26.82 23.73 2.52
CA LYS B 279 -26.21 25.03 2.76
C LYS B 279 -24.78 24.87 3.22
N PHE B 280 -24.56 23.91 4.12
CA PHE B 280 -23.22 23.61 4.62
C PHE B 280 -22.28 23.23 3.47
N TYR B 281 -22.71 22.27 2.64
CA TYR B 281 -21.86 21.77 1.57
C TYR B 281 -21.49 22.93 0.65
N LYS B 282 -22.43 23.85 0.47
CA LYS B 282 -22.21 24.98 -0.41
C LYS B 282 -21.16 25.90 0.20
N MET B 283 -21.31 26.16 1.49
CA MET B 283 -20.38 26.99 2.22
C MET B 283 -18.95 26.41 2.18
N ILE B 284 -18.82 25.11 2.42
CA ILE B 284 -17.52 24.46 2.36
C ILE B 284 -16.95 24.59 0.95
N LYS B 285 -17.79 24.41 -0.05
CA LYS B 285 -17.38 24.49 -1.44
C LYS B 285 -16.95 25.90 -1.85
N GLU B 286 -17.67 26.92 -1.38
CA GLU B 286 -17.34 28.30 -1.75
C GLU B 286 -16.02 28.75 -1.13
N GLY B 287 -15.67 28.17 0.01
CA GLY B 287 -14.38 28.47 0.61
C GLY B 287 -14.44 29.13 1.98
N PHE B 288 -15.60 29.10 2.61
CA PHE B 288 -15.71 29.67 3.94
C PHE B 288 -15.05 28.76 4.97
N ARG B 289 -14.32 29.37 5.90
CA ARG B 289 -13.59 28.62 6.91
C ARG B 289 -13.91 29.13 8.30
N MET B 290 -13.69 28.29 9.31
CA MET B 290 -13.91 28.70 10.68
C MET B 290 -12.86 29.73 11.08
N LEU B 291 -13.18 30.53 12.10
CA LEU B 291 -12.22 31.50 12.63
C LEU B 291 -11.44 30.84 13.76
N SER B 292 -10.34 31.48 14.14
CA SER B 292 -9.48 30.96 15.20
C SER B 292 -10.23 30.80 16.51
N PRO B 293 -10.03 29.67 17.20
CA PRO B 293 -10.57 29.50 18.56
C PRO B 293 -9.94 30.54 19.46
N GLU B 294 -10.63 30.88 20.53
CA GLU B 294 -10.20 31.95 21.41
C GLU B 294 -8.81 31.66 21.99
N HIS B 295 -8.48 30.39 22.15
CA HIS B 295 -7.22 30.02 22.79
C HIS B 295 -6.11 29.52 21.90
N ALA B 296 -6.32 29.54 20.58
CA ALA B 296 -5.27 29.10 19.67
C ALA B 296 -4.18 30.15 19.53
N PRO B 297 -2.93 29.77 19.80
CA PRO B 297 -1.83 30.67 19.42
C PRO B 297 -1.77 30.88 17.92
N ALA B 298 -1.15 31.98 17.50
CA ALA B 298 -1.18 32.39 16.10
C ALA B 298 -0.56 31.35 15.17
N GLU B 299 0.50 30.69 15.62
CA GLU B 299 1.17 29.66 14.84
C GLU B 299 0.26 28.48 14.51
N MET B 300 -0.56 28.08 15.48
CA MET B 300 -1.45 26.93 15.29
C MET B 300 -2.59 27.23 14.34
N TYR B 301 -3.25 28.37 14.54
CA TYR B 301 -4.33 28.75 13.63
C TYR B 301 -3.78 28.80 12.22
N ASP B 302 -2.51 29.17 12.12
CA ASP B 302 -1.83 29.22 10.85
C ASP B 302 -1.80 27.86 10.20
N ILE B 303 -1.40 26.84 10.97
CA ILE B 303 -1.44 25.47 10.47
C ILE B 303 -2.88 25.06 10.12
N MET B 304 -3.81 25.28 11.05
CA MET B 304 -5.22 25.07 10.79
C MET B 304 -5.59 25.52 9.40
N LYS B 305 -5.32 26.79 9.10
CA LYS B 305 -5.76 27.38 7.85
C LYS B 305 -5.18 26.68 6.62
N THR B 306 -3.88 26.42 6.62
CA THR B 306 -3.29 25.69 5.49
C THR B 306 -3.85 24.27 5.34
N CYS B 307 -4.24 23.64 6.44
CA CYS B 307 -4.83 22.31 6.37
C CYS B 307 -6.14 22.36 5.61
N TRP B 308 -6.76 23.52 5.64
CA TRP B 308 -8.09 23.70 5.07
C TRP B 308 -8.05 24.34 3.69
N ASP B 309 -6.91 24.23 3.02
CA ASP B 309 -6.80 24.76 1.68
C ASP B 309 -7.65 23.90 0.77
N ALA B 310 -8.35 24.54 -0.17
CA ALA B 310 -9.28 23.84 -1.06
C ALA B 310 -8.50 22.99 -2.05
N ASP B 311 -7.31 23.48 -2.39
CA ASP B 311 -6.36 22.69 -3.15
C ASP B 311 -5.59 21.77 -2.20
N PRO B 312 -5.77 20.45 -2.32
CA PRO B 312 -5.12 19.50 -1.43
C PRO B 312 -3.60 19.62 -1.51
N LEU B 313 -3.11 20.02 -2.68
CA LEU B 313 -1.69 20.08 -2.96
C LEU B 313 -1.01 21.24 -2.25
N LYS B 314 -1.80 22.23 -1.84
CA LYS B 314 -1.26 23.34 -1.06
C LYS B 314 -1.30 23.06 0.45
N ARG B 315 -1.78 21.88 0.83
CA ARG B 315 -1.81 21.52 2.25
C ARG B 315 -0.48 20.93 2.68
N PRO B 316 -0.04 21.26 3.91
CA PRO B 316 1.16 20.66 4.48
C PRO B 316 0.97 19.15 4.65
N THR B 317 2.05 18.39 4.62
CA THR B 317 1.99 16.98 4.98
C THR B 317 2.21 16.85 6.48
N PHE B 318 1.85 15.71 7.03
CA PHE B 318 2.08 15.50 8.44
C PHE B 318 3.55 15.65 8.81
N LYS B 319 4.45 15.16 7.97
CA LYS B 319 5.87 15.36 8.23
C LYS B 319 6.21 16.85 8.37
N GLN B 320 5.65 17.68 7.50
CA GLN B 320 5.90 19.12 7.56
C GLN B 320 5.31 19.77 8.83
N ILE B 321 4.11 19.34 9.20
CA ILE B 321 3.47 19.86 10.40
C ILE B 321 4.33 19.60 11.64
N VAL B 322 4.88 18.40 11.72
CA VAL B 322 5.70 18.00 12.84
C VAL B 322 6.98 18.84 12.89
N GLN B 323 7.59 19.04 11.74
CA GLN B 323 8.82 19.81 11.67
C GLN B 323 8.56 21.28 11.94
N LEU B 324 7.37 21.74 11.60
CA LEU B 324 6.99 23.13 11.81
C LEU B 324 6.81 23.38 13.29
N ILE B 325 6.10 22.46 13.96
CA ILE B 325 5.85 22.57 15.39
C ILE B 325 7.15 22.50 16.19
N GLU B 326 8.13 21.75 15.69
CA GLU B 326 9.40 21.62 16.37
C GLU B 326 10.29 22.84 16.20
N LYS B 327 10.36 23.37 14.98
CA LYS B 327 11.12 24.58 14.73
C LYS B 327 10.56 25.79 15.47
N GLN B 328 9.25 25.80 15.71
CA GLN B 328 8.61 26.99 16.25
C GLN B 328 8.29 26.86 17.74
N ILE B 329 8.76 25.77 18.34
CA ILE B 329 8.38 25.41 19.69
C ILE B 329 8.81 26.48 20.72
N SER B 330 9.90 27.18 20.45
CA SER B 330 10.38 28.20 21.39
C SER B 330 9.65 29.54 21.28
N GLU B 331 8.86 29.73 20.22
CA GLU B 331 8.14 30.99 20.02
C GLU B 331 6.92 31.09 20.92
C4 B49 C . 15.09 -1.87 -27.76
C5 B49 C . 7.73 -0.60 -21.53
C6 B49 C . 8.93 0.14 -21.64
C7 B49 C . 8.47 -2.13 -23.36
C13 B49 C . 11.98 -3.87 -27.10
C15 B49 C . 7.51 -1.73 -22.39
C17 B49 C . 9.65 -1.40 -23.45
C20 B49 C . 10.84 -1.50 -24.30
C21 B49 C . 11.76 -0.38 -23.89
C22 B49 C . 13.68 -4.63 -28.91
C3 B49 C . 10.98 -4.97 -27.26
C12 B49 C . 10.90 -2.48 -25.25
C14 B49 C . 13.81 -2.56 -27.39
C16 B49 C . 9.88 -0.28 -22.60
C18 B49 C . 11.91 -2.81 -26.21
C19 B49 C . 13.20 -3.72 -27.86
N23 B49 C . 13.01 -2.04 -26.40
N24 B49 C . 11.11 0.28 -22.87
N25 B49 C . 13.57 -5.99 -28.62
O27 B49 C . 12.85 -0.10 -24.34
O28 B49 C . 14.15 -4.19 -29.96
F29 B49 C . 6.38 -2.43 -22.28
S SO4 D . -16.62 0.66 -23.29
O1 SO4 D . -17.71 0.84 -24.26
O2 SO4 D . -16.04 1.98 -22.96
O3 SO4 D . -17.16 0.04 -22.05
O4 SO4 D . -15.60 -0.22 -23.88
C4 B49 E . -10.35 3.87 30.16
C5 B49 E . -9.57 0.56 21.10
C6 B49 E . -8.63 0.47 22.17
C7 B49 E . -11.12 1.92 22.49
C13 B49 E . -12.46 4.48 27.11
C15 B49 E . -10.79 1.27 21.27
C17 B49 E . -10.20 1.83 23.54
C20 B49 E . -10.19 2.33 24.93
C21 B49 E . -8.89 1.88 25.54
C22 B49 E . -13.07 5.60 29.39
C3 B49 E . -13.58 5.04 26.28
C12 B49 E . -11.23 3.05 25.39
C14 B49 E . -11.10 4.03 28.88
C16 B49 E . -8.98 1.11 23.38
C18 B49 E . -11.47 3.62 26.68
C19 B49 E . -12.24 4.74 28.53
N23 B49 E . -10.66 3.37 27.75
N24 B49 E . -8.23 1.16 24.53
N25 B49 E . -13.34 5.11 30.64
O27 B49 E . -8.49 2.09 26.68
O28 B49 E . -13.51 6.69 28.98
F29 B49 E . -11.65 1.35 20.25
#